data_9R4R
#
_entry.id   9R4R
#
_cell.length_a   108.128
_cell.length_b   108.128
_cell.length_c   128.633
_cell.angle_alpha   90.000
_cell.angle_beta   90.000
_cell.angle_gamma   120.000
#
_symmetry.space_group_name_H-M   'P 31 2 1'
#
loop_
_entity.id
_entity.type
_entity.pdbx_description
1 polymer 'Chains: A'
2 non-polymer 2-amino-2-deoxy-alpha-D-glucopyranose
3 non-polymer GLYCEROL
4 non-polymer 'FORMIC ACID'
5 water water
#
_entity_poly.entity_id   1
_entity_poly.type   'polypeptide(L)'
_entity_poly.pdbx_seq_one_letter_code
;MAGIADLTAALASADRNRVTRVEAMRRSPTTISLSTLGALSALWGILYFMTCSGRNSRGVLADASSGMLQTRQSDSESLN
STGLAQAAINGLNARFYESSNARWSSDEPWWISGVALTMVIEYMRRSGSKEYLDQVEDVIEVQRQPLSWWPSGEGEFRAD
ATDDTGWWALAMVRMYDLTGNEDYLNISIKDEAYMRQWWTDTECGGGLYVDIQDLTYKNAIANELYLKLVASLANRAPNA
TIYLDRAQQAWTWFLGSGMINGVNLINDGLARDSNTGSCYNNRLPVWTYNQGVILGALVELYHATKDESYLLSAQAIADA
VLSPSNGLTSSSGVLTETCEGSDSCNQDQQVFKGVFALNLAELGDAVAGASSDPDAGQDYREYLDTNMQSMYANDRSEIV
PTLFDSSTGDLYDVSWSGPFRNATMPKQASAIGLYVANI
;
_entity_poly.pdbx_strand_id   A
#
loop_
_chem_comp.id
_chem_comp.type
_chem_comp.name
_chem_comp.formula
FMT non-polymer 'FORMIC ACID' 'C H2 O2'
GOL non-polymer GLYCEROL 'C3 H8 O3'
PA1 D-saccharide, alpha linking 2-amino-2-deoxy-alpha-D-glucopyranose 'C6 H13 N O5'
#
# COMPACT_ATOMS: atom_id res chain seq x y z
N SER A 78 27.28 5.30 -8.56
CA SER A 78 25.88 5.01 -8.84
C SER A 78 24.98 5.57 -7.73
N LEU A 79 23.83 4.92 -7.53
CA LEU A 79 22.82 5.37 -6.58
C LEU A 79 22.58 4.29 -5.55
N ASN A 80 22.67 4.64 -4.27
CA ASN A 80 22.43 3.73 -3.16
C ASN A 80 21.04 4.01 -2.59
N SER A 81 20.11 3.08 -2.80
CA SER A 81 18.74 3.29 -2.36
C SER A 81 18.62 3.28 -0.85
N THR A 82 19.49 2.53 -0.15
CA THR A 82 19.41 2.48 1.31
C THR A 82 19.73 3.83 1.93
N GLY A 83 20.78 4.49 1.45
CA GLY A 83 21.12 5.80 1.97
C GLY A 83 20.11 6.87 1.61
N LEU A 84 19.44 6.73 0.46
CA LEU A 84 18.42 7.68 0.05
C LEU A 84 17.10 7.43 0.78
N ALA A 85 16.78 6.16 1.05
CA ALA A 85 15.60 5.86 1.85
C ALA A 85 15.73 6.45 3.24
N GLN A 86 16.91 6.32 3.86
CA GLN A 86 17.13 6.91 5.17
C GLN A 86 17.07 8.44 5.10
N ALA A 87 17.65 9.03 4.05
CA ALA A 87 17.58 10.48 3.88
C ALA A 87 16.14 10.93 3.67
N ALA A 88 15.33 10.14 2.97
CA ALA A 88 13.94 10.49 2.78
C ALA A 88 13.15 10.32 4.06
N ILE A 89 13.46 9.29 4.84
CA ILE A 89 12.78 9.08 6.13
C ILE A 89 13.13 10.21 7.09
N ASN A 90 14.38 10.66 7.08
CA ASN A 90 14.78 11.77 7.94
C ASN A 90 14.08 13.06 7.54
N GLY A 91 13.87 13.28 6.24
CA GLY A 91 13.13 14.45 5.81
C GLY A 91 11.67 14.37 6.18
N LEU A 92 11.09 13.17 6.13
CA LEU A 92 9.72 12.98 6.60
C LEU A 92 9.59 13.33 8.08
N ASN A 93 10.52 12.83 8.89
CA ASN A 93 10.47 13.09 10.33
C ASN A 93 10.75 14.56 10.64
N ALA A 94 11.77 15.14 9.99
CA ALA A 94 12.16 16.51 10.29
C ALA A 94 11.04 17.50 9.97
N ARG A 95 10.21 17.19 8.97
CA ARG A 95 9.18 18.11 8.51
C ARG A 95 7.79 17.82 9.07
N PHE A 96 7.46 16.55 9.30
CA PHE A 96 6.06 16.18 9.54
C PHE A 96 5.81 15.38 10.82
N TYR A 97 6.82 14.84 11.48
CA TYR A 97 6.58 14.04 12.68
C TYR A 97 6.31 14.96 13.87
N GLU A 98 5.30 14.58 14.66
CA GLU A 98 4.90 15.33 15.85
C GLU A 98 5.16 14.46 17.07
N SER A 99 6.22 14.78 17.82
CA SER A 99 6.58 13.97 18.98
C SER A 99 5.51 13.98 20.05
N SER A 100 4.79 15.10 20.19
CA SER A 100 3.75 15.20 21.22
C SER A 100 2.49 14.42 20.86
N ASN A 101 2.39 13.91 19.63
CA ASN A 101 1.22 13.16 19.20
C ASN A 101 1.54 11.74 18.72
N ALA A 102 2.82 11.41 18.56
CA ALA A 102 3.24 10.11 18.01
C ALA A 102 2.54 9.82 16.69
N ARG A 103 2.66 10.78 15.77
CA ARG A 103 1.95 10.74 14.50
C ARG A 103 2.55 11.77 13.56
N TRP A 104 2.53 11.46 12.26
CA TRP A 104 2.96 12.38 11.23
C TRP A 104 1.76 13.20 10.75
N SER A 105 1.91 14.53 10.76
CA SER A 105 0.96 15.45 10.15
C SER A 105 -0.48 15.19 10.54
N SER A 106 -0.92 15.73 11.68
CA SER A 106 -2.30 15.58 12.10
C SER A 106 -3.27 16.32 11.19
N ASP A 107 -2.78 17.20 10.33
CA ASP A 107 -3.63 17.89 9.36
C ASP A 107 -3.91 17.06 8.11
N GLU A 108 -3.34 15.86 8.02
CA GLU A 108 -3.53 14.96 6.89
C GLU A 108 -4.31 13.73 7.32
N PRO A 109 -4.85 12.96 6.36
CA PRO A 109 -5.66 11.78 6.73
C PRO A 109 -4.90 10.81 7.63
N TRP A 110 -5.62 10.30 8.64
CA TRP A 110 -5.02 9.41 9.62
C TRP A 110 -4.44 8.15 8.98
N TRP A 111 -5.11 7.63 7.94
CA TRP A 111 -4.67 6.38 7.34
C TRP A 111 -3.34 6.50 6.60
N ILE A 112 -2.95 7.72 6.23
CA ILE A 112 -1.67 7.89 5.54
C ILE A 112 -0.51 7.78 6.52
N SER A 113 -0.74 8.12 7.80
CA SER A 113 0.26 7.82 8.82
C SER A 113 0.49 6.32 8.95
N GLY A 114 -0.54 5.51 8.69
CA GLY A 114 -0.36 4.07 8.67
C GLY A 114 0.49 3.61 7.50
N VAL A 115 0.29 4.23 6.32
CA VAL A 115 1.15 3.93 5.18
C VAL A 115 2.58 4.33 5.47
N ALA A 116 2.77 5.46 6.16
CA ALA A 116 4.11 5.92 6.49
C ALA A 116 4.82 4.92 7.40
N LEU A 117 4.11 4.41 8.41
CA LEU A 117 4.69 3.40 9.29
C LEU A 117 5.07 2.15 8.51
N THR A 118 4.28 1.79 7.51
CA THR A 118 4.61 0.63 6.67
C THR A 118 5.91 0.85 5.91
N MET A 119 6.11 2.05 5.38
CA MET A 119 7.33 2.35 4.63
C MET A 119 8.56 2.30 5.55
N VAL A 120 8.42 2.82 6.77
CA VAL A 120 9.55 2.82 7.69
C VAL A 120 9.84 1.41 8.19
N ILE A 121 8.80 0.64 8.49
CA ILE A 121 8.99 -0.75 8.90
C ILE A 121 9.67 -1.54 7.79
N GLU A 122 9.21 -1.36 6.54
CA GLU A 122 9.79 -2.10 5.43
C GLU A 122 11.22 -1.68 5.14
N TYR A 123 11.55 -0.41 5.37
CA TYR A 123 12.94 0.02 5.26
C TYR A 123 13.83 -0.75 6.24
N MET A 124 13.40 -0.83 7.50
CA MET A 124 14.19 -1.54 8.49
C MET A 124 14.31 -3.02 8.16
N ARG A 125 13.23 -3.62 7.66
CA ARG A 125 13.24 -5.05 7.37
C ARG A 125 14.12 -5.36 6.16
N ARG A 126 14.15 -4.47 5.17
CA ARG A 126 14.93 -4.73 3.96
C ARG A 126 16.39 -4.32 4.10
N SER A 127 16.69 -3.32 4.93
CA SER A 127 18.05 -2.83 5.09
C SER A 127 18.75 -3.43 6.31
N GLY A 128 18.07 -4.23 7.12
CA GLY A 128 18.65 -4.77 8.32
C GLY A 128 18.88 -3.77 9.43
N SER A 129 18.55 -2.50 9.21
CA SER A 129 18.70 -1.48 10.23
C SER A 129 17.59 -1.60 11.28
N LYS A 130 17.77 -0.84 12.38
CA LYS A 130 16.77 -0.75 13.43
C LYS A 130 16.77 0.64 14.07
N GLU A 131 17.15 1.67 13.30
N GLU A 131 17.15 1.66 13.29
CA GLU A 131 17.34 3.00 13.86
CA GLU A 131 17.33 3.00 13.86
C GLU A 131 16.03 3.69 14.20
C GLU A 131 16.01 3.63 14.27
N TYR A 132 14.91 3.28 13.59
CA TYR A 132 13.61 3.89 13.85
C TYR A 132 12.68 2.97 14.63
N LEU A 133 13.20 1.91 15.26
CA LEU A 133 12.32 0.96 15.94
C LEU A 133 11.65 1.59 17.16
N ASP A 134 12.39 2.41 17.92
CA ASP A 134 11.81 3.05 19.09
C ASP A 134 10.70 4.02 18.69
N GLN A 135 10.96 4.86 17.69
CA GLN A 135 9.93 5.78 17.22
C GLN A 135 8.70 5.04 16.72
N VAL A 136 8.88 3.92 16.01
CA VAL A 136 7.74 3.21 15.43
C VAL A 136 6.91 2.57 16.53
N GLU A 137 7.57 2.04 17.56
CA GLU A 137 6.84 1.44 18.67
C GLU A 137 6.03 2.48 19.45
N ASP A 138 6.50 3.73 19.47
CA ASP A 138 5.73 4.80 20.11
C ASP A 138 4.45 5.08 19.32
N VAL A 139 4.56 5.14 17.98
CA VAL A 139 3.40 5.43 17.15
C VAL A 139 2.32 4.38 17.36
N ILE A 140 2.71 3.10 17.46
CA ILE A 140 1.73 2.03 17.63
C ILE A 140 1.03 2.16 18.97
N GLU A 141 1.80 2.41 20.03
CA GLU A 141 1.21 2.43 21.37
C GLU A 141 0.15 3.52 21.49
N VAL A 142 0.37 4.67 20.86
CA VAL A 142 -0.56 5.78 20.97
C VAL A 142 -1.72 5.62 19.99
N GLN A 143 -1.44 5.21 18.75
CA GLN A 143 -2.48 5.12 17.74
C GLN A 143 -3.31 3.84 17.85
N ARG A 144 -2.92 2.89 18.68
CA ARG A 144 -3.76 1.72 18.93
C ARG A 144 -4.84 1.97 19.97
N GLN A 145 -4.85 3.16 20.58
CA GLN A 145 -5.86 3.52 21.55
C GLN A 145 -7.18 3.83 20.85
N PRO A 146 -8.32 3.74 21.57
CA PRO A 146 -9.62 4.08 20.97
C PRO A 146 -9.64 5.45 20.30
N LEU A 147 -9.97 5.48 19.02
CA LEU A 147 -9.96 6.72 18.27
C LEU A 147 -11.09 7.64 18.72
N SER A 148 -10.77 8.94 18.81
CA SER A 148 -11.75 9.90 19.31
C SER A 148 -12.95 10.02 18.38
N TRP A 149 -12.76 9.82 17.08
CA TRP A 149 -13.84 9.93 16.12
C TRP A 149 -14.58 8.62 15.89
N TRP A 150 -14.15 7.52 16.52
CA TRP A 150 -14.85 6.25 16.43
C TRP A 150 -14.56 5.43 17.69
N PRO A 151 -15.20 5.78 18.81
CA PRO A 151 -14.95 5.04 20.06
C PRO A 151 -15.53 3.64 20.05
N SER A 152 -16.61 3.40 19.30
CA SER A 152 -17.23 2.08 19.26
C SER A 152 -16.29 1.03 18.68
N GLY A 153 -15.25 1.44 17.95
CA GLY A 153 -14.28 0.49 17.45
C GLY A 153 -13.44 -0.14 18.54
N GLU A 154 -13.35 0.53 19.69
CA GLU A 154 -12.62 0.03 20.87
C GLU A 154 -11.12 -0.12 20.57
N GLY A 155 -10.57 0.80 19.79
CA GLY A 155 -9.14 0.84 19.57
C GLY A 155 -8.64 -0.29 18.68
N GLU A 156 -7.33 -0.54 18.79
CA GLU A 156 -6.65 -1.56 17.99
C GLU A 156 -6.84 -1.31 16.50
N PHE A 157 -6.85 -0.03 16.12
CA PHE A 157 -6.92 0.43 14.74
C PHE A 157 -8.27 0.14 14.07
N ARG A 158 -9.30 -0.16 14.85
CA ARG A 158 -10.64 -0.40 14.30
C ARG A 158 -11.36 0.93 14.18
N ALA A 159 -11.47 1.44 12.94
CA ALA A 159 -11.93 2.79 12.67
C ALA A 159 -13.32 2.77 12.06
N ASP A 160 -13.74 3.93 11.53
CA ASP A 160 -15.05 4.12 10.94
C ASP A 160 -15.08 3.80 9.45
N ALA A 161 -14.00 3.28 8.89
CA ALA A 161 -13.94 2.84 7.51
C ALA A 161 -13.09 1.58 7.44
N THR A 162 -13.51 0.64 6.60
CA THR A 162 -12.81 -0.65 6.54
C THR A 162 -11.44 -0.52 5.89
N ASP A 163 -11.24 0.47 5.01
CA ASP A 163 -9.93 0.64 4.39
C ASP A 163 -8.97 1.36 5.33
N ASP A 164 -9.46 2.31 6.13
CA ASP A 164 -8.63 2.92 7.16
C ASP A 164 -8.05 1.87 8.09
N THR A 165 -8.90 0.94 8.55
CA THR A 165 -8.42 -0.17 9.35
C THR A 165 -7.46 -1.05 8.57
N GLY A 166 -7.73 -1.26 7.29
CA GLY A 166 -6.93 -2.19 6.50
C GLY A 166 -5.48 -1.78 6.37
N TRP A 167 -5.22 -0.47 6.23
CA TRP A 167 -3.84 -0.01 6.09
C TRP A 167 -3.03 -0.26 7.36
N TRP A 168 -3.62 -0.01 8.54
CA TRP A 168 -2.91 -0.25 9.78
C TRP A 168 -2.76 -1.75 10.06
N ALA A 169 -3.77 -2.53 9.68
CA ALA A 169 -3.70 -3.98 9.92
C ALA A 169 -2.55 -4.60 9.14
N LEU A 170 -2.34 -4.18 7.90
CA LEU A 170 -1.24 -4.70 7.10
C LEU A 170 0.10 -4.21 7.62
N ALA A 171 0.15 -3.01 8.21
CA ALA A 171 1.37 -2.55 8.84
C ALA A 171 1.73 -3.41 10.05
N MET A 172 0.71 -3.90 10.76
CA MET A 172 0.95 -4.78 11.90
C MET A 172 1.46 -6.15 11.44
N VAL A 173 1.00 -6.61 10.28
CA VAL A 173 1.57 -7.82 9.69
C VAL A 173 3.04 -7.60 9.36
N ARG A 174 3.37 -6.41 8.83
CA ARG A 174 4.75 -6.09 8.51
C ARG A 174 5.61 -6.01 9.77
N MET A 175 5.10 -5.40 10.83
CA MET A 175 5.86 -5.35 12.08
C MET A 175 6.10 -6.74 12.63
N TYR A 176 5.10 -7.61 12.55
CA TYR A 176 5.30 -8.98 13.02
C TYR A 176 6.39 -9.67 12.22
N ASP A 177 6.49 -9.37 10.93
CA ASP A 177 7.56 -9.95 10.11
C ASP A 177 8.93 -9.42 10.54
N LEU A 178 8.99 -8.15 10.95
CA LEU A 178 10.26 -7.57 11.36
C LEU A 178 10.69 -8.08 12.73
N THR A 179 9.79 -8.01 13.72
CA THR A 179 10.15 -8.29 15.10
C THR A 179 9.84 -9.71 15.55
N GLY A 180 8.82 -10.34 14.98
CA GLY A 180 8.39 -11.64 15.48
C GLY A 180 7.60 -11.59 16.76
N ASN A 181 7.22 -10.40 17.23
CA ASN A 181 6.45 -10.25 18.44
C ASN A 181 4.99 -10.61 18.15
N GLU A 182 4.46 -11.58 18.88
CA GLU A 182 3.11 -12.07 18.65
C GLU A 182 2.04 -11.01 18.93
N ASP A 183 2.37 -9.98 19.71
CA ASP A 183 1.42 -8.92 19.99
C ASP A 183 0.93 -8.25 18.71
N TYR A 184 1.83 -8.00 17.75
CA TYR A 184 1.43 -7.33 16.53
C TYR A 184 0.58 -8.22 15.64
N LEU A 185 0.82 -9.53 15.64
CA LEU A 185 -0.04 -10.44 14.89
C LEU A 185 -1.44 -10.48 15.48
N ASN A 186 -1.57 -10.29 16.80
CA ASN A 186 -2.88 -10.31 17.43
C ASN A 186 -3.73 -9.14 16.96
N ILE A 187 -3.10 -7.97 16.75
CA ILE A 187 -3.84 -6.81 16.26
C ILE A 187 -4.40 -7.08 14.87
N SER A 188 -3.60 -7.73 14.02
CA SER A 188 -4.07 -8.07 12.67
C SER A 188 -5.26 -9.02 12.73
N ILE A 189 -5.24 -9.98 13.67
CA ILE A 189 -6.33 -10.94 13.79
C ILE A 189 -7.61 -10.23 14.22
N LYS A 190 -7.51 -9.33 15.21
CA LYS A 190 -8.68 -8.55 15.60
C LYS A 190 -9.20 -7.70 14.44
N ASP A 191 -8.29 -7.17 13.62
CA ASP A 191 -8.71 -6.32 12.52
C ASP A 191 -9.44 -7.10 11.44
N GLU A 192 -8.99 -8.34 11.18
CA GLU A 192 -9.68 -9.19 10.20
C GLU A 192 -11.12 -9.44 10.63
N ALA A 193 -11.32 -9.81 11.89
CA ALA A 193 -12.67 -10.08 12.39
C ALA A 193 -13.52 -8.82 12.37
N TYR A 194 -12.90 -7.65 12.55
CA TYR A 194 -13.64 -6.40 12.50
C TYR A 194 -14.14 -6.13 11.09
N MET A 195 -13.24 -6.17 10.10
CA MET A 195 -13.63 -5.84 8.72
C MET A 195 -14.62 -6.86 8.16
N ARG A 196 -14.48 -8.13 8.54
CA ARG A 196 -15.38 -9.17 8.03
C ARG A 196 -16.84 -8.91 8.41
N GLN A 197 -17.08 -8.07 9.43
CA GLN A 197 -18.44 -7.77 9.83
C GLN A 197 -19.25 -7.15 8.70
N TRP A 198 -18.59 -6.47 7.76
CA TRP A 198 -19.27 -5.75 6.69
C TRP A 198 -19.10 -6.43 5.34
N TRP A 199 -18.79 -7.73 5.32
CA TRP A 199 -18.86 -8.54 4.11
C TRP A 199 -20.27 -9.10 4.00
N THR A 200 -20.94 -8.84 2.88
CA THR A 200 -22.30 -9.30 2.66
C THR A 200 -22.38 -10.05 1.34
N ASP A 201 -23.10 -11.18 1.35
CA ASP A 201 -23.36 -11.94 0.14
C ASP A 201 -24.62 -11.50 -0.57
N THR A 202 -25.40 -10.59 0.02
CA THR A 202 -26.68 -10.22 -0.55
C THR A 202 -26.56 -9.19 -1.67
N GLU A 203 -25.57 -8.30 -1.60
CA GLU A 203 -25.30 -7.33 -2.65
C GLU A 203 -24.01 -7.70 -3.37
N CYS A 204 -24.04 -7.68 -4.70
CA CYS A 204 -22.92 -8.02 -5.57
C CYS A 204 -22.40 -9.43 -5.33
N GLY A 205 -23.13 -10.27 -4.60
CA GLY A 205 -22.68 -11.63 -4.35
C GLY A 205 -21.43 -11.74 -3.51
N GLY A 206 -21.06 -10.70 -2.79
CA GLY A 206 -19.87 -10.72 -1.96
C GLY A 206 -19.28 -9.34 -1.82
N GLY A 207 -18.05 -9.31 -1.31
CA GLY A 207 -17.35 -8.06 -1.07
C GLY A 207 -17.83 -7.36 0.18
N LEU A 208 -16.99 -6.45 0.68
CA LEU A 208 -17.32 -5.65 1.84
C LEU A 208 -17.45 -4.18 1.47
N TYR A 209 -18.16 -3.44 2.32
CA TYR A 209 -18.32 -2.01 2.15
C TYR A 209 -17.12 -1.26 2.73
N VAL A 210 -16.91 -0.05 2.23
CA VAL A 210 -15.88 0.84 2.75
C VAL A 210 -16.45 1.83 3.75
N ASP A 211 -17.68 2.29 3.52
CA ASP A 211 -18.34 3.29 4.37
C ASP A 211 -19.15 2.54 5.42
N ILE A 212 -18.58 2.41 6.61
CA ILE A 212 -19.21 1.64 7.69
C ILE A 212 -20.52 2.28 8.11
N GLN A 213 -20.57 3.62 8.13
CA GLN A 213 -21.78 4.32 8.56
C GLN A 213 -22.82 4.36 7.46
N ASP A 214 -22.40 4.51 6.20
CA ASP A 214 -23.34 4.70 5.10
C ASP A 214 -23.70 3.39 4.41
N LEU A 215 -22.73 2.52 4.15
CA LEU A 215 -22.95 1.21 3.53
C LEU A 215 -23.59 1.36 2.14
N THR A 216 -22.89 2.05 1.25
CA THR A 216 -23.39 2.30 -0.09
C THR A 216 -22.36 2.03 -1.19
N TYR A 217 -21.12 1.67 -0.85
CA TYR A 217 -20.06 1.56 -1.83
C TYR A 217 -19.17 0.37 -1.51
N LYS A 218 -19.06 -0.55 -2.47
CA LYS A 218 -18.09 -1.65 -2.41
C LYS A 218 -17.02 -1.32 -3.46
N ASN A 219 -15.92 -0.73 -3.01
CA ASN A 219 -14.88 -0.26 -3.90
C ASN A 219 -13.73 -1.27 -3.97
N ALA A 220 -12.69 -0.91 -4.73
CA ALA A 220 -11.60 -1.85 -5.00
C ALA A 220 -10.58 -1.88 -3.87
N ILE A 221 -10.20 -0.72 -3.33
CA ILE A 221 -9.07 -0.66 -2.40
C ILE A 221 -9.41 -1.35 -1.09
N ALA A 222 -10.66 -1.22 -0.62
CA ALA A 222 -11.03 -1.86 0.64
C ALA A 222 -11.04 -3.37 0.51
N ASN A 223 -11.45 -3.89 -0.64
CA ASN A 223 -11.47 -5.33 -0.85
C ASN A 223 -10.08 -5.88 -1.17
N GLU A 224 -9.20 -5.05 -1.75
CA GLU A 224 -7.83 -5.48 -1.96
C GLU A 224 -7.07 -5.54 -0.64
N LEU A 225 -7.29 -4.56 0.25
CA LEU A 225 -6.64 -4.58 1.56
C LEU A 225 -7.11 -5.77 2.38
N TYR A 226 -8.42 -6.04 2.37
CA TYR A 226 -8.94 -7.20 3.09
C TYR A 226 -8.36 -8.50 2.53
N LEU A 227 -8.30 -8.61 1.20
CA LEU A 227 -7.81 -9.84 0.59
C LEU A 227 -6.36 -10.10 0.96
N LYS A 228 -5.52 -9.06 0.95
CA LYS A 228 -4.14 -9.23 1.36
C LYS A 228 -4.02 -9.50 2.86
N LEU A 229 -5.02 -9.13 3.66
CA LEU A 229 -4.97 -9.39 5.08
C LEU A 229 -5.27 -10.86 5.39
N VAL A 230 -6.34 -11.41 4.81
CA VAL A 230 -6.67 -12.80 5.05
C VAL A 230 -5.63 -13.72 4.42
N ALA A 231 -5.06 -13.31 3.28
CA ALA A 231 -4.00 -14.11 2.66
C ALA A 231 -2.73 -14.10 3.51
N SER A 232 -2.42 -12.95 4.11
CA SER A 232 -1.25 -12.88 4.99
C SER A 232 -1.45 -13.72 6.24
N LEU A 233 -2.64 -13.68 6.84
CA LEU A 233 -2.91 -14.48 8.02
C LEU A 233 -2.89 -15.97 7.71
N ALA A 234 -3.16 -16.34 6.45
CA ALA A 234 -3.12 -17.75 6.06
C ALA A 234 -1.71 -18.33 6.15
N ASN A 235 -0.69 -17.48 6.24
CA ASN A 235 0.69 -17.92 6.33
C ASN A 235 1.30 -17.72 7.71
N ARG A 236 0.59 -17.05 8.64
CA ARG A 236 1.20 -16.68 9.91
C ARG A 236 0.32 -17.06 11.10
N ALA A 237 -0.99 -17.08 10.92
CA ALA A 237 -1.89 -17.29 12.05
C ALA A 237 -2.01 -18.77 12.42
N PRO A 238 -2.34 -19.08 13.69
CA PRO A 238 -2.49 -20.48 14.11
C PRO A 238 -3.61 -21.21 13.40
N ASN A 239 -4.79 -20.61 13.32
CA ASN A 239 -5.93 -21.21 12.62
C ASN A 239 -5.89 -20.83 11.14
N ALA A 240 -4.80 -21.23 10.49
CA ALA A 240 -4.50 -20.78 9.13
C ALA A 240 -5.49 -21.30 8.09
N THR A 241 -6.19 -22.39 8.37
CA THR A 241 -7.06 -22.98 7.35
C THR A 241 -8.28 -22.12 7.09
N ILE A 242 -8.87 -21.53 8.14
CA ILE A 242 -10.03 -20.67 7.96
C ILE A 242 -9.63 -19.43 7.15
N TYR A 243 -8.44 -18.89 7.40
CA TYR A 243 -8.00 -17.70 6.68
C TYR A 243 -7.68 -18.01 5.23
N LEU A 244 -7.20 -19.22 4.93
CA LEU A 244 -6.93 -19.59 3.55
C LEU A 244 -8.21 -19.76 2.76
N ASP A 245 -9.25 -20.35 3.39
N ASP A 245 -9.25 -20.35 3.39
CA ASP A 245 -10.54 -20.47 2.73
CA ASP A 245 -10.54 -20.47 2.73
C ASP A 245 -11.14 -19.10 2.42
C ASP A 245 -11.14 -19.10 2.42
N ARG A 246 -11.00 -18.16 3.36
CA ARG A 246 -11.53 -16.82 3.13
C ARG A 246 -10.81 -16.12 1.99
N ALA A 247 -9.48 -16.26 1.92
CA ALA A 247 -8.72 -15.60 0.86
C ALA A 247 -9.05 -16.19 -0.51
N GLN A 248 -9.20 -17.51 -0.58
CA GLN A 248 -9.52 -18.15 -1.86
C GLN A 248 -10.91 -17.76 -2.33
N GLN A 249 -11.88 -17.70 -1.42
CA GLN A 249 -13.21 -17.24 -1.78
C GLN A 249 -13.23 -15.75 -2.10
N ALA A 250 -12.36 -14.97 -1.45
CA ALA A 250 -12.34 -13.53 -1.70
C ALA A 250 -11.73 -13.20 -3.06
N TRP A 251 -10.67 -13.91 -3.45
CA TRP A 251 -10.08 -13.67 -4.76
C TRP A 251 -11.03 -14.10 -5.88
N THR A 252 -11.78 -15.18 -5.65
CA THR A 252 -12.75 -15.63 -6.65
C THR A 252 -13.83 -14.57 -6.86
N TRP A 253 -14.27 -13.91 -5.79
CA TRP A 253 -15.25 -12.84 -5.94
C TRP A 253 -14.65 -11.63 -6.65
N PHE A 254 -13.43 -11.23 -6.29
CA PHE A 254 -12.79 -10.10 -6.92
C PHE A 254 -12.59 -10.34 -8.42
N LEU A 255 -12.14 -11.55 -8.78
CA LEU A 255 -11.90 -11.86 -10.18
C LEU A 255 -13.19 -11.80 -10.98
N GLY A 256 -14.29 -12.25 -10.41
CA GLY A 256 -15.57 -12.25 -11.08
C GLY A 256 -16.41 -11.01 -10.91
N SER A 257 -15.94 -10.04 -10.12
CA SER A 257 -16.73 -8.83 -9.89
C SER A 257 -16.81 -7.96 -11.13
N GLY A 258 -15.77 -7.94 -11.95
CA GLY A 258 -15.70 -7.09 -13.11
C GLY A 258 -14.85 -5.85 -12.94
N MET A 259 -14.25 -5.65 -11.76
CA MET A 259 -13.41 -4.47 -11.54
C MET A 259 -12.14 -4.55 -12.37
N ILE A 260 -11.67 -5.76 -12.68
CA ILE A 260 -10.55 -5.95 -13.59
C ILE A 260 -11.10 -5.85 -15.02
N ASN A 261 -10.65 -4.85 -15.76
CA ASN A 261 -11.26 -4.50 -17.04
C ASN A 261 -10.57 -5.22 -18.20
N GLY A 262 -10.86 -4.77 -19.42
CA GLY A 262 -10.42 -5.48 -20.62
C GLY A 262 -8.92 -5.50 -20.83
N VAL A 263 -8.20 -4.56 -20.23
CA VAL A 263 -6.75 -4.50 -20.36
C VAL A 263 -6.06 -4.89 -19.05
N ASN A 264 -6.76 -5.64 -18.19
CA ASN A 264 -6.22 -6.16 -16.93
C ASN A 264 -5.84 -5.05 -15.96
N LEU A 265 -6.59 -3.95 -15.97
CA LEU A 265 -6.45 -2.90 -14.97
C LEU A 265 -7.74 -2.81 -14.16
N ILE A 266 -7.62 -2.24 -12.96
CA ILE A 266 -8.70 -2.26 -11.98
C ILE A 266 -9.23 -0.84 -11.81
N ASN A 267 -10.52 -0.65 -12.11
CA ASN A 267 -11.19 0.61 -11.88
C ASN A 267 -11.51 0.77 -10.39
N ASP A 268 -12.15 1.89 -10.04
CA ASP A 268 -12.22 2.28 -8.63
C ASP A 268 -13.16 1.39 -7.83
N GLY A 269 -14.30 1.03 -8.39
CA GLY A 269 -15.25 0.24 -7.63
C GLY A 269 -16.43 -0.23 -8.47
N LEU A 270 -17.51 -0.54 -7.76
CA LEU A 270 -18.70 -1.15 -8.36
C LEU A 270 -19.90 -0.21 -8.22
N ALA A 271 -20.80 -0.28 -9.21
CA ALA A 271 -22.10 0.36 -9.15
C ALA A 271 -23.18 -0.70 -9.21
N ARG A 272 -24.39 -0.33 -8.81
CA ARG A 272 -25.50 -1.28 -8.73
C ARG A 272 -26.64 -0.85 -9.64
N ASP A 273 -27.22 -1.83 -10.32
CA ASP A 273 -28.34 -1.57 -11.22
C ASP A 273 -29.56 -1.17 -10.40
N SER A 274 -30.24 -0.11 -10.85
CA SER A 274 -31.39 0.43 -10.12
C SER A 274 -32.60 -0.48 -10.16
N ASN A 275 -32.59 -1.55 -10.96
CA ASN A 275 -33.78 -2.37 -11.12
C ASN A 275 -33.50 -3.85 -10.87
N THR A 276 -32.32 -4.32 -11.24
CA THR A 276 -32.01 -5.75 -11.16
C THR A 276 -31.17 -6.11 -9.94
N GLY A 277 -30.54 -5.13 -9.29
CA GLY A 277 -29.65 -5.41 -8.17
C GLY A 277 -28.29 -5.94 -8.55
N SER A 278 -28.00 -6.07 -9.85
CA SER A 278 -26.70 -6.54 -10.30
C SER A 278 -25.67 -5.43 -10.21
N CYS A 279 -24.42 -5.82 -10.03
CA CYS A 279 -23.31 -4.89 -9.85
C CYS A 279 -22.39 -4.92 -11.06
N TYR A 280 -21.76 -3.78 -11.34
CA TYR A 280 -20.90 -3.67 -12.51
C TYR A 280 -19.82 -2.63 -12.28
N ASN A 281 -18.74 -2.76 -13.05
CA ASN A 281 -17.65 -1.79 -13.06
C ASN A 281 -18.18 -0.39 -13.30
N ASN A 282 -17.86 0.53 -12.39
CA ASN A 282 -18.37 1.90 -12.49
C ASN A 282 -17.54 2.78 -13.42
N ARG A 283 -16.49 2.24 -14.03
CA ARG A 283 -15.65 2.97 -14.98
C ARG A 283 -15.03 4.22 -14.38
N LEU A 284 -14.91 4.29 -13.06
CA LEU A 284 -14.21 5.38 -12.40
C LEU A 284 -12.71 5.23 -12.62
N PRO A 285 -11.91 6.28 -12.36
CA PRO A 285 -10.48 6.26 -12.75
C PRO A 285 -9.68 5.04 -12.29
N VAL A 286 -8.55 4.83 -12.96
CA VAL A 286 -7.63 3.73 -12.65
C VAL A 286 -6.50 4.32 -11.83
N TRP A 287 -6.48 4.00 -10.53
CA TRP A 287 -5.48 4.53 -9.61
C TRP A 287 -4.36 3.51 -9.42
N THR A 288 -3.15 4.02 -9.21
CA THR A 288 -1.98 3.15 -9.19
C THR A 288 -2.00 2.21 -8.00
N TYR A 289 -2.47 2.68 -6.83
CA TYR A 289 -2.44 1.81 -5.65
C TYR A 289 -3.49 0.70 -5.73
N ASN A 290 -4.46 0.81 -6.63
CA ASN A 290 -5.39 -0.28 -6.88
C ASN A 290 -4.81 -1.32 -7.83
N GLN A 291 -3.62 -1.09 -8.38
CA GLN A 291 -2.90 -2.09 -9.15
C GLN A 291 -1.71 -2.66 -8.39
N GLY A 292 -1.53 -2.27 -7.13
CA GLY A 292 -0.39 -2.72 -6.35
C GLY A 292 -0.77 -3.63 -5.20
N VAL A 293 -1.73 -3.20 -4.37
CA VAL A 293 -2.13 -4.00 -3.22
C VAL A 293 -2.59 -5.39 -3.66
N ILE A 294 -3.21 -5.48 -4.83
CA ILE A 294 -3.65 -6.78 -5.34
C ILE A 294 -2.46 -7.67 -5.67
N LEU A 295 -1.32 -7.08 -6.05
CA LEU A 295 -0.14 -7.89 -6.33
C LEU A 295 0.36 -8.59 -5.06
N GLY A 296 0.43 -7.85 -3.96
CA GLY A 296 0.86 -8.44 -2.70
C GLY A 296 -0.07 -9.51 -2.19
N ALA A 297 -1.38 -9.34 -2.42
CA ALA A 297 -2.34 -10.36 -2.01
C ALA A 297 -2.12 -11.66 -2.79
N LEU A 298 -1.84 -11.54 -4.09
CA LEU A 298 -1.61 -12.74 -4.90
C LEU A 298 -0.29 -13.40 -4.56
N VAL A 299 0.70 -12.63 -4.11
CA VAL A 299 1.96 -13.21 -3.68
C VAL A 299 1.77 -14.04 -2.41
N GLU A 300 1.00 -13.52 -1.46
CA GLU A 300 0.71 -14.29 -0.25
C GLU A 300 -0.13 -15.51 -0.57
N LEU A 301 -1.05 -15.40 -1.53
CA LEU A 301 -1.84 -16.57 -1.93
C LEU A 301 -0.96 -17.62 -2.59
N TYR A 302 0.05 -17.19 -3.35
CA TYR A 302 1.00 -18.14 -3.91
C TYR A 302 1.83 -18.81 -2.83
N HIS A 303 2.25 -18.05 -1.82
CA HIS A 303 3.07 -18.60 -0.75
C HIS A 303 2.30 -19.63 0.07
N ALA A 304 0.98 -19.49 0.18
CA ALA A 304 0.16 -20.39 0.98
C ALA A 304 -0.30 -21.62 0.22
N THR A 305 -0.29 -21.58 -1.12
CA THR A 305 -0.75 -22.70 -1.92
C THR A 305 0.32 -23.32 -2.80
N LYS A 306 1.46 -22.65 -3.00
CA LYS A 306 2.50 -23.08 -3.94
C LYS A 306 1.95 -23.21 -5.36
N ASP A 307 0.88 -22.49 -5.67
CA ASP A 307 0.25 -22.53 -6.99
C ASP A 307 0.69 -21.29 -7.75
N GLU A 308 1.42 -21.51 -8.85
CA GLU A 308 1.94 -20.39 -9.65
C GLU A 308 0.85 -19.66 -10.42
N SER A 309 -0.39 -20.16 -10.43
CA SER A 309 -1.46 -19.45 -11.11
C SER A 309 -1.70 -18.07 -10.51
N TYR A 310 -1.44 -17.91 -9.21
CA TYR A 310 -1.59 -16.60 -8.59
C TYR A 310 -0.52 -15.64 -9.06
N LEU A 311 0.72 -16.12 -9.22
CA LEU A 311 1.78 -15.26 -9.72
C LEU A 311 1.52 -14.82 -11.16
N LEU A 312 0.95 -15.72 -11.97
CA LEU A 312 0.72 -15.39 -13.37
C LEU A 312 -0.38 -14.34 -13.53
N SER A 313 -1.39 -14.37 -12.66
CA SER A 313 -2.40 -13.32 -12.68
C SER A 313 -1.83 -11.99 -12.21
N ALA A 314 -0.98 -12.02 -11.18
CA ALA A 314 -0.35 -10.78 -10.71
C ALA A 314 0.57 -10.21 -11.78
N GLN A 315 1.29 -11.07 -12.50
CA GLN A 315 2.19 -10.60 -13.54
C GLN A 315 1.41 -9.95 -14.69
N ALA A 316 0.17 -10.37 -14.92
CA ALA A 316 -0.63 -9.75 -15.96
C ALA A 316 -1.04 -8.33 -15.58
N ILE A 317 -1.38 -8.12 -14.30
CA ILE A 317 -1.74 -6.79 -13.84
C ILE A 317 -0.53 -5.85 -13.88
N ALA A 318 0.63 -6.34 -13.45
CA ALA A 318 1.82 -5.51 -13.44
C ALA A 318 2.27 -5.18 -14.86
N ASP A 319 2.19 -6.13 -15.78
CA ASP A 319 2.60 -5.88 -17.15
C ASP A 319 1.74 -4.81 -17.80
N ALA A 320 0.44 -4.78 -17.48
CA ALA A 320 -0.44 -3.76 -18.02
C ALA A 320 -0.07 -2.37 -17.51
N VAL A 321 0.42 -2.28 -16.27
CA VAL A 321 0.84 -0.98 -15.74
C VAL A 321 2.11 -0.50 -16.44
N LEU A 322 3.05 -1.42 -16.69
CA LEU A 322 4.32 -1.05 -17.29
C LEU A 322 4.21 -0.75 -18.78
N SER A 323 3.11 -1.13 -19.42
CA SER A 323 2.95 -0.88 -20.85
C SER A 323 2.63 0.59 -21.08
N PRO A 324 3.43 1.32 -21.87
CA PRO A 324 3.12 2.73 -22.12
C PRO A 324 1.82 2.96 -22.86
N SER A 325 1.26 1.92 -23.48
CA SER A 325 0.01 2.04 -24.21
C SER A 325 -1.22 2.17 -23.30
N ASN A 326 -1.04 2.16 -21.98
CA ASN A 326 -2.16 2.20 -21.05
C ASN A 326 -2.24 3.49 -20.25
N GLY A 327 -1.34 4.43 -20.46
CA GLY A 327 -1.43 5.73 -19.84
C GLY A 327 -0.94 5.83 -18.41
N LEU A 328 -0.45 4.73 -17.83
CA LEU A 328 0.14 4.79 -16.50
C LEU A 328 1.66 4.89 -16.52
N THR A 329 2.29 4.45 -17.61
CA THR A 329 3.74 4.57 -17.80
C THR A 329 3.99 5.53 -18.95
N SER A 330 4.77 6.58 -18.70
CA SER A 330 5.00 7.61 -19.69
C SER A 330 5.97 7.11 -20.77
N SER A 331 6.12 7.93 -21.82
CA SER A 331 7.06 7.62 -22.89
C SER A 331 8.51 7.59 -22.39
N SER A 332 8.78 8.24 -21.26
CA SER A 332 10.08 8.14 -20.61
C SER A 332 10.19 6.91 -19.72
N GLY A 333 9.10 6.20 -19.50
CA GLY A 333 9.10 5.05 -18.61
C GLY A 333 8.86 5.37 -17.16
N VAL A 334 8.22 6.50 -16.86
CA VAL A 334 8.02 6.95 -15.49
C VAL A 334 6.55 6.75 -15.14
N LEU A 335 6.31 6.21 -13.94
CA LEU A 335 4.95 6.01 -13.45
C LEU A 335 4.28 7.37 -13.21
N THR A 336 3.07 7.53 -13.74
CA THR A 336 2.38 8.81 -13.70
C THR A 336 0.93 8.60 -13.31
N GLU A 337 0.51 9.21 -12.21
CA GLU A 337 -0.90 9.24 -11.84
C GLU A 337 -1.68 10.08 -12.84
N THR A 338 -2.94 9.69 -13.08
CA THR A 338 -3.75 10.38 -14.06
C THR A 338 -4.02 11.83 -13.69
N CYS A 339 -3.96 12.17 -12.40
CA CYS A 339 -4.23 13.54 -11.96
C CYS A 339 -3.02 14.46 -12.11
N GLU A 340 -1.85 13.93 -12.47
CA GLU A 340 -0.66 14.77 -12.57
C GLU A 340 -0.73 15.71 -13.75
N GLY A 341 -1.38 15.31 -14.85
CA GLY A 341 -1.47 16.18 -16.01
C GLY A 341 -2.23 17.46 -15.71
N SER A 342 -3.40 17.33 -15.09
CA SER A 342 -4.21 18.48 -14.72
C SER A 342 -3.78 19.13 -13.41
N ASP A 343 -2.73 18.60 -12.77
CA ASP A 343 -2.18 19.17 -11.54
C ASP A 343 -3.25 19.26 -10.44
N SER A 344 -3.94 18.13 -10.22
CA SER A 344 -5.10 18.12 -9.33
C SER A 344 -5.08 16.91 -8.39
N CYS A 345 -3.90 16.41 -8.05
CA CYS A 345 -3.80 15.27 -7.15
C CYS A 345 -4.02 15.73 -5.71
N ASN A 346 -5.04 15.18 -5.06
CA ASN A 346 -5.38 15.59 -3.70
C ASN A 346 -4.49 14.85 -2.69
N GLN A 347 -4.79 15.00 -1.40
CA GLN A 347 -3.94 14.43 -0.36
C GLN A 347 -3.93 12.90 -0.40
N ASP A 348 -5.02 12.28 -0.86
CA ASP A 348 -5.02 10.83 -1.00
C ASP A 348 -4.17 10.38 -2.18
N GLN A 349 -4.42 10.96 -3.36
CA GLN A 349 -3.76 10.53 -4.59
C GLN A 349 -2.25 10.77 -4.55
N GLN A 350 -1.77 11.64 -3.67
CA GLN A 350 -0.35 11.95 -3.61
C GLN A 350 0.49 10.78 -3.11
N VAL A 351 -0.13 9.80 -2.43
CA VAL A 351 0.59 8.69 -1.84
C VAL A 351 0.47 7.41 -2.65
N PHE A 352 -0.29 7.43 -3.74
CA PHE A 352 -0.67 6.20 -4.42
C PHE A 352 0.53 5.47 -5.01
N LYS A 353 1.41 6.21 -5.70
CA LYS A 353 2.46 5.58 -6.49
C LYS A 353 3.41 4.74 -5.64
N GLY A 354 3.80 5.26 -4.47
CA GLY A 354 4.72 4.52 -3.62
C GLY A 354 4.17 3.18 -3.16
N VAL A 355 2.85 3.10 -2.95
CA VAL A 355 2.24 1.85 -2.53
C VAL A 355 2.36 0.80 -3.63
N PHE A 356 2.27 1.23 -4.89
CA PHE A 356 2.42 0.31 -6.01
C PHE A 356 3.85 -0.20 -6.12
N ALA A 357 4.83 0.70 -6.00
CA ALA A 357 6.23 0.32 -6.16
C ALA A 357 6.65 -0.68 -5.09
N LEU A 358 6.19 -0.48 -3.85
CA LEU A 358 6.52 -1.41 -2.78
C LEU A 358 5.94 -2.79 -3.05
N ASN A 359 4.69 -2.83 -3.54
CA ASN A 359 4.07 -4.11 -3.83
C ASN A 359 4.65 -4.75 -5.08
N LEU A 360 5.09 -3.95 -6.05
CA LEU A 360 5.71 -4.50 -7.25
C LEU A 360 7.04 -5.17 -6.92
N ALA A 361 7.83 -4.55 -6.04
CA ALA A 361 9.08 -5.16 -5.60
C ALA A 361 8.84 -6.48 -4.88
N GLU A 362 7.71 -6.58 -4.17
CA GLU A 362 7.34 -7.84 -3.54
C GLU A 362 7.03 -8.90 -4.60
N LEU A 363 6.32 -8.50 -5.67
CA LEU A 363 6.03 -9.43 -6.76
C LEU A 363 7.32 -9.88 -7.45
N GLY A 364 8.24 -8.94 -7.70
CA GLY A 364 9.49 -9.29 -8.35
C GLY A 364 10.31 -10.26 -7.54
N ASP A 365 10.36 -10.07 -6.22
CA ASP A 365 11.07 -11.01 -5.36
C ASP A 365 10.44 -12.39 -5.42
N ALA A 366 9.11 -12.45 -5.51
CA ALA A 366 8.43 -13.74 -5.58
C ALA A 366 8.65 -14.41 -6.93
N VAL A 367 8.72 -13.63 -8.00
CA VAL A 367 8.92 -14.20 -9.34
C VAL A 367 10.34 -14.71 -9.49
N ALA A 368 11.32 -13.96 -8.99
CA ALA A 368 12.71 -14.37 -9.13
C ALA A 368 13.02 -15.64 -8.35
N GLY A 369 12.30 -15.87 -7.24
CA GLY A 369 12.51 -17.08 -6.46
C GLY A 369 11.75 -18.28 -6.95
N ALA A 370 10.65 -18.08 -7.67
CA ALA A 370 9.82 -19.18 -8.15
C ALA A 370 10.43 -19.90 -9.34
N SER A 371 11.47 -19.35 -9.96
CA SER A 371 12.09 -19.96 -11.12
C SER A 371 13.61 -19.87 -10.99
N SER A 372 14.29 -20.72 -11.75
CA SER A 372 15.75 -20.75 -11.76
C SER A 372 16.37 -19.82 -12.79
N ASP A 373 15.55 -19.24 -13.67
CA ASP A 373 16.07 -18.31 -14.66
C ASP A 373 16.63 -17.07 -13.97
N PRO A 374 17.87 -16.67 -14.26
CA PRO A 374 18.44 -15.50 -13.58
C PRO A 374 17.86 -14.17 -14.03
N ASP A 375 17.15 -14.14 -15.15
CA ASP A 375 16.47 -12.93 -15.61
C ASP A 375 15.03 -12.84 -15.10
N ALA A 376 14.61 -13.75 -14.22
CA ALA A 376 13.25 -13.73 -13.70
C ALA A 376 13.00 -12.44 -12.94
N GLY A 377 11.96 -11.71 -13.33
CA GLY A 377 11.64 -10.45 -12.70
C GLY A 377 12.56 -9.31 -13.04
N GLN A 378 13.34 -9.42 -14.13
CA GLN A 378 14.26 -8.37 -14.50
C GLN A 378 13.53 -7.11 -14.95
N ASP A 379 12.38 -7.25 -15.61
CA ASP A 379 11.64 -6.08 -16.08
C ASP A 379 11.08 -5.28 -14.92
N TYR A 380 10.71 -5.94 -13.82
CA TYR A 380 10.17 -5.22 -12.67
C TYR A 380 11.29 -4.50 -11.91
N ARG A 381 12.47 -5.10 -11.81
CA ARG A 381 13.58 -4.43 -11.16
C ARG A 381 14.12 -3.30 -12.03
N GLU A 382 14.15 -3.49 -13.35
CA GLU A 382 14.59 -2.43 -14.24
C GLU A 382 13.62 -1.26 -14.21
N TYR A 383 12.32 -1.54 -14.09
CA TYR A 383 11.32 -0.48 -14.01
C TYR A 383 11.51 0.36 -12.75
N LEU A 384 11.70 -0.31 -11.60
CA LEU A 384 11.91 0.42 -10.36
C LEU A 384 13.21 1.22 -10.40
N ASP A 385 14.25 0.68 -11.04
CA ASP A 385 15.51 1.39 -11.15
C ASP A 385 15.35 2.62 -12.05
N THR A 386 14.61 2.50 -13.15
CA THR A 386 14.38 3.65 -14.02
C THR A 386 13.63 4.75 -13.28
N ASN A 387 12.62 4.38 -12.49
CA ASN A 387 11.82 5.38 -11.79
C ASN A 387 12.58 6.01 -10.64
N MET A 388 13.47 5.25 -9.98
CA MET A 388 14.23 5.81 -8.87
C MET A 388 15.18 6.89 -9.35
N GLN A 389 15.77 6.71 -10.52
CA GLN A 389 16.73 7.70 -11.03
C GLN A 389 16.02 8.99 -11.45
N SER A 390 14.83 8.88 -12.04
CA SER A 390 14.12 10.08 -12.47
C SER A 390 13.64 10.89 -11.28
N MET A 391 13.15 10.23 -10.23
CA MET A 391 12.76 10.95 -9.02
C MET A 391 13.98 11.60 -8.37
N TYR A 392 15.10 10.88 -8.35
CA TYR A 392 16.32 11.38 -7.71
C TYR A 392 16.76 12.71 -8.34
N ALA A 393 16.63 12.83 -9.66
CA ALA A 393 17.21 13.95 -10.39
C ALA A 393 16.26 15.11 -10.60
N ASN A 394 14.97 14.85 -10.78
CA ASN A 394 14.02 15.89 -11.14
C ASN A 394 13.01 16.24 -10.03
N ASP A 395 12.95 15.45 -8.96
CA ASP A 395 11.92 15.61 -7.94
C ASP A 395 12.49 15.86 -6.55
N ARG A 396 13.80 16.07 -6.43
CA ARG A 396 14.47 16.14 -5.15
C ARG A 396 14.69 17.57 -4.69
N SER A 397 14.67 17.76 -3.38
CA SER A 397 15.09 19.02 -2.77
C SER A 397 15.49 18.73 -1.32
N GLU A 398 16.56 19.37 -0.87
CA GLU A 398 17.12 19.12 0.45
C GLU A 398 16.70 20.22 1.43
N ILE A 399 16.66 19.86 2.71
CA ILE A 399 16.34 20.83 3.76
C ILE A 399 17.57 21.67 4.05
N VAL A 400 17.33 22.92 4.44
CA VAL A 400 18.40 23.86 4.75
C VAL A 400 18.87 23.64 6.18
N PRO A 401 20.11 23.22 6.39
CA PRO A 401 20.64 23.11 7.75
C PRO A 401 20.95 24.50 8.30
N THR A 402 20.71 24.66 9.59
CA THR A 402 20.89 25.93 10.28
C THR A 402 21.93 25.78 11.38
N LEU A 403 22.22 26.90 12.06
CA LEU A 403 23.12 26.88 13.20
C LEU A 403 22.49 26.17 14.40
N PHE A 404 21.17 26.01 14.41
CA PHE A 404 20.46 25.37 15.51
C PHE A 404 20.00 23.97 15.13
N ASP A 405 19.24 23.83 14.04
CA ASP A 405 18.74 22.55 13.59
C ASP A 405 19.76 21.90 12.67
N SER A 406 20.33 20.77 13.10
CA SER A 406 21.24 19.99 12.28
C SER A 406 20.50 18.91 11.48
N SER A 407 19.19 19.07 11.29
CA SER A 407 18.41 18.07 10.57
C SER A 407 18.77 18.06 9.09
N THR A 408 18.94 16.85 8.55
CA THR A 408 19.27 16.65 7.14
C THR A 408 18.33 15.63 6.54
N GLY A 409 18.31 15.57 5.22
CA GLY A 409 17.49 14.61 4.51
C GLY A 409 17.12 15.13 3.14
N ASP A 410 16.05 14.56 2.59
CA ASP A 410 15.55 14.89 1.26
C ASP A 410 14.04 15.06 1.27
N LEU A 411 13.55 15.97 0.43
CA LEU A 411 12.13 16.23 0.26
C LEU A 411 11.74 15.95 -1.19
N TYR A 412 10.47 15.62 -1.39
CA TYR A 412 10.03 15.19 -2.72
C TYR A 412 8.60 15.65 -2.97
N ASP A 413 8.29 15.86 -4.26
CA ASP A 413 6.98 16.29 -4.72
C ASP A 413 6.23 15.11 -5.37
N VAL A 414 5.12 15.41 -6.02
CA VAL A 414 4.20 14.36 -6.46
C VAL A 414 4.66 13.72 -7.76
N SER A 415 5.25 14.49 -8.67
CA SER A 415 5.61 14.00 -9.99
C SER A 415 7.03 13.42 -9.95
N TRP A 416 7.15 12.12 -10.24
CA TRP A 416 8.44 11.46 -10.26
C TRP A 416 9.27 11.78 -11.50
N SER A 417 8.92 12.87 -12.20
CA SER A 417 9.67 13.34 -13.36
C SER A 417 9.50 14.84 -13.49
N GLY A 418 8.37 15.36 -13.01
CA GLY A 418 8.09 16.77 -13.05
C GLY A 418 8.89 17.54 -12.03
N PRO A 419 8.62 18.84 -11.90
CA PRO A 419 9.43 19.68 -11.04
C PRO A 419 9.04 19.56 -9.57
N PHE A 420 9.97 19.99 -8.71
CA PHE A 420 9.70 20.10 -7.29
C PHE A 420 9.18 21.50 -7.02
N ARG A 421 7.98 21.59 -6.44
CA ARG A 421 7.41 22.86 -6.02
C ARG A 421 7.16 22.89 -4.52
N ASN A 422 6.55 21.86 -3.95
CA ASN A 422 6.35 21.75 -2.52
C ASN A 422 6.54 20.30 -2.10
N ALA A 423 6.44 20.07 -0.78
CA ALA A 423 6.52 18.75 -0.20
C ALA A 423 5.40 18.58 0.82
N THR A 424 4.62 17.52 0.67
CA THR A 424 3.61 17.15 1.64
C THR A 424 3.93 15.77 2.19
N MET A 425 3.36 15.47 3.36
CA MET A 425 3.58 14.17 3.97
C MET A 425 3.17 13.01 3.07
N PRO A 426 2.03 13.03 2.37
CA PRO A 426 1.74 11.92 1.44
C PRO A 426 2.75 11.83 0.31
N LYS A 427 3.19 12.96 -0.24
CA LYS A 427 4.21 12.91 -1.29
C LYS A 427 5.52 12.33 -0.77
N GLN A 428 5.89 12.68 0.46
CA GLN A 428 7.13 12.18 1.03
C GLN A 428 7.05 10.68 1.30
N ALA A 429 5.91 10.20 1.81
CA ALA A 429 5.74 8.78 2.06
C ALA A 429 5.75 7.98 0.76
N SER A 430 5.16 8.54 -0.30
CA SER A 430 5.21 7.88 -1.60
C SER A 430 6.63 7.81 -2.15
N ALA A 431 7.46 8.79 -1.82
CA ALA A 431 8.84 8.78 -2.28
C ALA A 431 9.67 7.75 -1.52
N ILE A 432 9.40 7.60 -0.22
CA ILE A 432 10.11 6.59 0.57
C ILE A 432 9.86 5.20 0.02
N GLY A 433 8.63 4.92 -0.41
CA GLY A 433 8.30 3.60 -0.89
C GLY A 433 9.08 3.20 -2.13
N LEU A 434 9.38 4.17 -2.99
CA LEU A 434 10.13 3.86 -4.21
C LEU A 434 11.58 3.47 -3.88
N TYR A 435 12.22 4.22 -2.97
CA TYR A 435 13.57 3.86 -2.55
C TYR A 435 13.61 2.51 -1.87
N VAL A 436 12.66 2.27 -0.95
CA VAL A 436 12.61 1.00 -0.24
C VAL A 436 12.35 -0.15 -1.21
N ALA A 437 11.63 0.10 -2.30
CA ALA A 437 11.38 -0.93 -3.30
C ALA A 437 12.65 -1.28 -4.09
N ASN A 438 13.67 -0.44 -4.04
CA ASN A 438 14.93 -0.69 -4.73
C ASN A 438 16.00 -1.27 -3.81
N ILE A 439 15.70 -1.44 -2.53
CA ILE A 439 16.67 -2.00 -1.59
C ILE A 439 16.73 -3.52 -1.73
C1 PA1 B . -11.81 9.35 6.00
O1 PA1 B . -10.98 8.93 7.00
C2 PA1 B . -12.59 8.14 5.47
N2 PA1 B . -13.13 7.38 6.64
C3 PA1 B . -11.75 7.22 4.65
O3 PA1 B . -12.61 6.24 4.00
C4 PA1 B . -10.95 7.95 3.59
O4 PA1 B . -10.05 7.02 2.98
C5 PA1 B . -10.15 9.10 4.18
O5 PA1 B . -11.00 10.04 4.93
C6 PA1 B . -9.48 9.85 3.07
O6 PA1 B . -8.95 11.06 3.56
C1 GOL C . -23.68 -2.33 -3.36
O1 GOL C . -24.96 -2.01 -2.93
C2 GOL C . -23.24 -1.25 -4.37
O2 GOL C . -23.40 0.03 -3.86
C3 GOL C . -21.76 -1.57 -4.69
O3 GOL C . -21.08 -0.37 -4.72
C1 GOL D . -4.95 19.20 4.52
O1 GOL D . -5.52 20.48 4.57
C2 GOL D . -3.58 19.34 3.81
O2 GOL D . -2.69 20.11 4.54
C3 GOL D . -3.91 19.97 2.43
O3 GOL D . -2.91 19.59 1.55
C1 GOL E . -13.08 8.26 -0.36
O1 GOL E . -11.88 8.39 0.34
C2 GOL E . -13.66 6.85 -0.03
O2 GOL E . -14.70 6.51 -0.88
C3 GOL E . -12.46 5.87 -0.17
O3 GOL E . -11.76 5.93 1.03
C1 GOL F . 14.30 -6.08 -5.11
O1 GOL F . 13.98 -6.53 -3.83
C2 GOL F . 15.84 -5.86 -5.13
O2 GOL F . 16.53 -7.06 -4.98
C3 GOL F . 16.13 -5.20 -6.50
O3 GOL F . 16.93 -4.08 -6.24
C1 GOL G . -10.85 10.39 10.40
O1 GOL G . -11.47 10.86 9.24
C2 GOL G . -9.47 11.10 10.51
O2 GOL G . -8.94 11.43 9.27
C3 GOL G . -9.68 12.34 11.43
O3 GOL G . -11.05 12.57 11.52
C FMT H . 0.05 -2.55 1.92
O1 FMT H . 0.46 -2.76 3.07
O2 FMT H . 0.59 -2.98 0.91
#